data_7UW2
#
_entry.id   7UW2
#
_cell.length_a   65.814
_cell.length_b   65.814
_cell.length_c   112.921
_cell.angle_alpha   90.000
_cell.angle_beta   90.000
_cell.angle_gamma   90.000
#
_symmetry.space_group_name_H-M   'P 43 21 2'
#
loop_
_entity.id
_entity.type
_entity.pdbx_description
1 polymer 'Retinoic acid receptor RXR-alpha'
2 polymer 'Nuclear receptor coactivator 2'
3 non-polymer '(2E,4E,6Z,8E)-8-{3-[(2S)-butan-2-yl]-2-(3-methylbutyl)cyclohex-2-en-1-ylidene}-3,7-dimethylocta-2,4,6-trienoic acid'
4 water water
#
loop_
_entity_poly.entity_id
_entity_poly.type
_entity_poly.pdbx_seq_one_letter_code
_entity_poly.pdbx_strand_id
1 'polypeptide(L)'
;TSSANEDMPVERILEAELAVEPKTETYVEANMGLNPSSPNDPVTNICQAADKQLFTLVEWAKRIPHFSELPLDDQVILLR
AGWNELLIASFSHRSIAVKDGILLATGLHVHRNSAHSAGVGAIFDRVLTELVSKMRDMQMDKTELGCLRAIVLFNPDSKG
LSNPAEVEALREKVYASLEAYCKHKYPEQPGRFAKLLLRLPALRSIGLKCLEHLFFFKLIGDTPIDTFLMEMLEAPHQMT
;
A
2 'polypeptide(L)' KHKILHRLLQDSS B
#
loop_
_chem_comp.id
_chem_comp.type
_chem_comp.name
_chem_comp.formula
OI2 non-polymer '(2E,4E,6Z,8E)-8-{3-[(2S)-butan-2-yl]-2-(3-methylbutyl)cyclohex-2-en-1-ylidene}-3,7-dimethylocta-2,4,6-trienoic acid' 'C25 H38 O2'
#
# COMPACT_ATOMS: atom_id res chain seq x y z
N ASP A 7 -1.27 -14.37 -18.24
CA ASP A 7 -1.11 -14.97 -16.92
C ASP A 7 -1.30 -13.95 -15.81
N MET A 8 -1.19 -12.66 -16.15
CA MET A 8 -1.32 -11.57 -15.20
C MET A 8 -2.04 -10.40 -15.87
N PRO A 9 -3.34 -10.52 -16.09
CA PRO A 9 -4.07 -9.48 -16.83
C PRO A 9 -4.43 -8.28 -15.95
N VAL A 10 -4.24 -7.08 -16.51
CA VAL A 10 -4.51 -5.86 -15.77
C VAL A 10 -6.00 -5.69 -15.45
N GLU A 11 -6.87 -6.38 -16.18
CA GLU A 11 -8.30 -6.25 -15.92
C GLU A 11 -8.67 -6.85 -14.55
N ARG A 12 -8.02 -7.94 -14.17
CA ARG A 12 -8.27 -8.51 -12.84
C ARG A 12 -7.61 -7.70 -11.74
N ILE A 13 -6.49 -7.03 -12.05
CA ILE A 13 -5.84 -6.19 -11.05
C ILE A 13 -6.69 -4.95 -10.77
N LEU A 14 -7.25 -4.34 -11.82
CA LEU A 14 -8.19 -3.24 -11.63
C LEU A 14 -9.43 -3.70 -10.88
N GLU A 15 -9.92 -4.90 -11.20
CA GLU A 15 -11.09 -5.43 -10.51
C GLU A 15 -10.84 -5.58 -9.02
N ALA A 16 -9.63 -5.95 -8.64
CA ALA A 16 -9.29 -6.04 -7.22
C ALA A 16 -9.34 -4.67 -6.56
N GLU A 17 -8.87 -3.63 -7.25
CA GLU A 17 -8.93 -2.28 -6.72
C GLU A 17 -10.36 -1.82 -6.53
N LEU A 18 -11.20 -2.02 -7.56
CA LEU A 18 -12.59 -1.57 -7.46
C LEU A 18 -13.39 -2.41 -6.47
N ALA A 19 -13.00 -3.67 -6.26
CA ALA A 19 -13.73 -4.51 -5.32
C ALA A 19 -13.57 -4.03 -3.88
N VAL A 20 -12.46 -3.38 -3.57
CA VAL A 20 -12.21 -2.90 -2.22
C VAL A 20 -12.53 -1.42 -2.16
N GLU A 21 -13.54 -1.00 -2.92
CA GLU A 21 -14.04 0.37 -2.97
C GLU A 21 -12.97 1.34 -3.47
N ASP A 41 -7.20 14.02 18.17
CA ASP A 41 -5.91 13.55 17.67
C ASP A 41 -6.08 12.84 16.33
N PRO A 42 -5.58 13.44 15.24
CA PRO A 42 -5.59 12.74 13.95
C PRO A 42 -4.74 11.48 13.94
N VAL A 43 -3.79 11.34 14.86
CA VAL A 43 -3.01 10.10 14.94
C VAL A 43 -3.91 8.92 15.29
N THR A 44 -4.84 9.12 16.22
CA THR A 44 -5.77 8.05 16.59
C THR A 44 -6.67 7.70 15.41
N ASN A 45 -7.21 8.71 14.73
CA ASN A 45 -8.08 8.45 13.59
C ASN A 45 -7.34 7.70 12.49
N ILE A 46 -6.07 8.05 12.25
CA ILE A 46 -5.30 7.38 11.22
C ILE A 46 -5.00 5.93 11.63
N CYS A 47 -4.67 5.71 12.90
CA CYS A 47 -4.41 4.34 13.36
C CYS A 47 -5.67 3.49 13.30
N GLN A 48 -6.85 4.08 13.54
CA GLN A 48 -8.08 3.31 13.43
C GLN A 48 -8.39 2.96 11.99
N ALA A 49 -8.13 3.88 11.06
CA ALA A 49 -8.33 3.58 9.64
C ALA A 49 -7.34 2.52 9.16
N ALA A 50 -6.11 2.54 9.69
CA ALA A 50 -5.12 1.55 9.30
C ALA A 50 -5.57 0.14 9.68
N ASP A 51 -6.10 -0.02 10.90
CA ASP A 51 -6.57 -1.33 11.33
C ASP A 51 -7.74 -1.80 10.48
N LYS A 52 -8.68 -0.90 10.20
CA LYS A 52 -9.81 -1.23 9.34
C LYS A 52 -9.35 -1.73 7.97
N GLN A 53 -8.40 -1.02 7.36
CA GLN A 53 -7.98 -1.36 6.01
C GLN A 53 -7.09 -2.60 5.94
N LEU A 54 -6.52 -3.03 7.08
CA LEU A 54 -5.76 -4.27 7.06
C LEU A 54 -6.65 -5.46 6.74
N PHE A 55 -7.88 -5.47 7.27
CA PHE A 55 -8.85 -6.50 6.89
C PHE A 55 -9.14 -6.44 5.40
N THR A 56 -9.36 -5.23 4.87
CA THR A 56 -9.64 -5.06 3.46
C THR A 56 -8.44 -5.46 2.60
N LEU A 57 -7.22 -5.24 3.10
CA LEU A 57 -6.03 -5.58 2.34
C LEU A 57 -5.94 -7.07 2.06
N VAL A 58 -6.38 -7.91 3.01
CA VAL A 58 -6.36 -9.35 2.78
C VAL A 58 -7.32 -9.72 1.65
N GLU A 59 -8.50 -9.10 1.62
CA GLU A 59 -9.45 -9.37 0.55
C GLU A 59 -8.92 -8.90 -0.79
N TRP A 60 -8.21 -7.77 -0.81
CA TRP A 60 -7.59 -7.29 -2.04
C TRP A 60 -6.56 -8.29 -2.55
N ALA A 61 -5.67 -8.74 -1.68
CA ALA A 61 -4.59 -9.64 -2.10
C ALA A 61 -5.13 -10.96 -2.61
N LYS A 62 -6.23 -11.44 -2.02
CA LYS A 62 -6.85 -12.67 -2.52
C LYS A 62 -7.31 -12.52 -3.96
N ARG A 63 -7.67 -11.31 -4.38
CA ARG A 63 -8.15 -11.07 -5.74
C ARG A 63 -7.03 -10.78 -6.73
N ILE A 64 -5.79 -10.68 -6.27
CA ILE A 64 -4.66 -10.54 -7.20
C ILE A 64 -4.33 -11.91 -7.77
N PRO A 65 -4.23 -12.05 -9.09
CA PRO A 65 -4.00 -13.37 -9.68
C PRO A 65 -2.78 -14.08 -9.11
N HIS A 66 -2.99 -15.34 -8.75
CA HIS A 66 -2.00 -16.33 -8.32
C HIS A 66 -1.53 -16.13 -6.88
N PHE A 67 -1.92 -15.05 -6.20
CA PHE A 67 -1.48 -14.85 -4.82
C PHE A 67 -2.00 -15.97 -3.91
N SER A 68 -3.28 -16.32 -4.05
CA SER A 68 -3.87 -17.34 -3.19
C SER A 68 -3.31 -18.72 -3.47
N GLU A 69 -2.62 -18.90 -4.60
CA GLU A 69 -2.01 -20.19 -4.92
C GLU A 69 -0.65 -20.38 -4.26
N LEU A 70 -0.03 -19.31 -3.77
CA LEU A 70 1.22 -19.43 -3.05
C LEU A 70 1.01 -20.18 -1.74
N PRO A 71 2.06 -20.82 -1.22
CA PRO A 71 1.97 -21.42 0.12
C PRO A 71 1.45 -20.41 1.14
N LEU A 72 0.66 -20.90 2.09
CA LEU A 72 -0.01 -20.02 3.04
C LEU A 72 1.02 -19.26 3.88
N ASP A 73 2.13 -19.91 4.24
CA ASP A 73 3.18 -19.22 4.99
C ASP A 73 3.78 -18.07 4.18
N ASP A 74 3.85 -18.22 2.86
CA ASP A 74 4.41 -17.15 2.03
C ASP A 74 3.42 -16.02 1.81
N GLN A 75 2.11 -16.33 1.74
CA GLN A 75 1.10 -15.27 1.73
C GLN A 75 1.21 -14.42 2.98
N VAL A 76 1.46 -15.06 4.14
CA VAL A 76 1.63 -14.32 5.39
C VAL A 76 2.86 -13.43 5.31
N ILE A 77 3.97 -13.98 4.82
CA ILE A 77 5.23 -13.23 4.76
C ILE A 77 5.08 -12.01 3.86
N LEU A 78 4.45 -12.17 2.71
CA LEU A 78 4.36 -11.06 1.76
C LEU A 78 3.50 -9.93 2.29
N LEU A 79 2.40 -10.26 2.99
CA LEU A 79 1.54 -9.21 3.52
C LEU A 79 2.16 -8.53 4.73
N ARG A 80 2.81 -9.30 5.61
CA ARG A 80 3.47 -8.69 6.75
C ARG A 80 4.64 -7.81 6.32
N ALA A 81 5.26 -8.12 5.18
CA ALA A 81 6.38 -7.32 4.69
C ALA A 81 5.92 -6.07 3.95
N GLY A 82 4.74 -6.10 3.34
CA GLY A 82 4.35 -5.00 2.47
C GLY A 82 3.12 -4.21 2.87
N TRP A 83 2.49 -4.56 3.99
CA TRP A 83 1.20 -3.95 4.33
C TRP A 83 1.28 -2.44 4.44
N ASN A 84 2.35 -1.91 5.04
CA ASN A 84 2.41 -0.47 5.25
C ASN A 84 2.56 0.28 3.94
N GLU A 85 3.42 -0.22 3.03
CA GLU A 85 3.52 0.41 1.72
C GLU A 85 2.22 0.25 0.94
N LEU A 86 1.56 -0.90 1.06
CA LEU A 86 0.32 -1.14 0.32
C LEU A 86 -0.79 -0.21 0.78
N LEU A 87 -0.88 0.05 2.08
CA LEU A 87 -1.91 0.94 2.58
C LEU A 87 -1.60 2.40 2.25
N ILE A 88 -0.33 2.78 2.33
CA ILE A 88 0.06 4.16 2.04
C ILE A 88 -0.23 4.50 0.58
N ALA A 89 0.07 3.58 -0.33
CA ALA A 89 -0.21 3.83 -1.75
C ALA A 89 -1.71 4.03 -1.97
N SER A 90 -2.55 3.31 -1.23
CA SER A 90 -3.99 3.37 -1.45
C SER A 90 -4.56 4.71 -1.00
N PHE A 91 -4.25 5.15 0.23
CA PHE A 91 -4.84 6.40 0.67
C PHE A 91 -4.16 7.61 0.01
N SER A 92 -2.92 7.46 -0.46
CA SER A 92 -2.28 8.54 -1.20
C SER A 92 -2.98 8.76 -2.53
N HIS A 93 -3.29 7.68 -3.25
CA HIS A 93 -4.00 7.81 -4.52
C HIS A 93 -5.44 8.28 -4.32
N ARG A 94 -6.07 7.84 -3.23
CA ARG A 94 -7.43 8.29 -2.93
C ARG A 94 -7.48 9.79 -2.65
N SER A 95 -6.36 10.39 -2.27
CA SER A 95 -6.34 11.78 -1.82
C SER A 95 -5.91 12.76 -2.90
N ILE A 96 -5.74 12.30 -4.15
CA ILE A 96 -5.41 13.24 -5.22
C ILE A 96 -6.56 14.20 -5.49
N ALA A 97 -7.78 13.85 -5.08
CA ALA A 97 -8.94 14.70 -5.28
C ALA A 97 -9.00 15.89 -4.33
N VAL A 98 -8.17 15.91 -3.28
CA VAL A 98 -8.16 16.99 -2.31
C VAL A 98 -6.78 17.61 -2.28
N LYS A 99 -6.71 18.84 -1.75
CA LYS A 99 -5.48 19.59 -1.64
C LYS A 99 -5.11 19.73 -0.17
N ASP A 100 -3.82 19.53 0.13
CA ASP A 100 -3.29 19.66 1.49
C ASP A 100 -4.03 18.78 2.49
N GLY A 101 -4.41 17.58 2.06
CA GLY A 101 -5.15 16.70 2.95
C GLY A 101 -5.09 15.25 2.51
N ILE A 102 -5.42 14.37 3.44
CA ILE A 102 -5.49 12.93 3.20
C ILE A 102 -6.91 12.47 3.51
N LEU A 103 -7.47 11.66 2.62
CA LEU A 103 -8.78 11.06 2.79
C LEU A 103 -8.63 9.68 3.41
N LEU A 104 -9.14 9.51 4.63
CA LEU A 104 -9.08 8.21 5.27
C LEU A 104 -10.22 7.32 4.78
N ALA A 105 -10.02 6.01 4.88
CA ALA A 105 -11.05 5.07 4.47
C ALA A 105 -12.30 5.15 5.33
N THR A 106 -12.17 5.71 6.53
CA THR A 106 -13.31 5.84 7.44
C THR A 106 -14.20 7.03 7.11
N GLY A 107 -13.92 7.74 6.01
CA GLY A 107 -14.68 8.92 5.64
C GLY A 107 -14.18 10.21 6.25
N LEU A 108 -13.12 10.16 7.06
CA LEU A 108 -12.57 11.36 7.67
C LEU A 108 -11.43 11.93 6.84
N HIS A 109 -11.25 13.24 6.95
CA HIS A 109 -10.20 13.97 6.26
C HIS A 109 -9.24 14.54 7.29
N VAL A 110 -7.95 14.36 7.06
CA VAL A 110 -6.91 14.92 7.92
C VAL A 110 -6.22 16.03 7.13
N HIS A 111 -6.40 17.27 7.58
CA HIS A 111 -5.78 18.39 6.90
C HIS A 111 -4.32 18.51 7.28
N ARG A 112 -3.52 19.03 6.34
CA ARG A 112 -2.11 19.27 6.60
C ARG A 112 -1.90 20.05 7.90
N ASN A 113 -2.77 21.03 8.16
CA ASN A 113 -2.65 21.82 9.38
C ASN A 113 -2.96 21.00 10.62
N SER A 114 -3.89 20.04 10.52
CA SER A 114 -4.17 19.17 11.66
C SER A 114 -2.99 18.28 11.99
N ALA A 115 -2.36 17.70 10.96
CA ALA A 115 -1.19 16.85 11.18
C ALA A 115 -0.05 17.65 11.81
N HIS A 116 0.19 18.86 11.30
CA HIS A 116 1.25 19.69 11.86
CA HIS A 116 1.26 19.69 11.86
C HIS A 116 0.99 20.02 13.32
N SER A 117 -0.25 20.36 13.66
CA SER A 117 -0.59 20.70 15.03
C SER A 117 -0.58 19.51 15.97
N ALA A 118 -0.50 18.29 15.43
CA ALA A 118 -0.37 17.08 16.24
C ALA A 118 1.07 16.59 16.33
N GLY A 119 2.01 17.31 15.74
CA GLY A 119 3.41 16.94 15.81
C GLY A 119 3.90 15.95 14.78
N VAL A 120 3.08 15.63 13.77
CA VAL A 120 3.47 14.68 12.74
C VAL A 120 3.45 15.35 11.38
N GLY A 121 3.76 16.65 11.36
CA GLY A 121 3.70 17.40 10.10
C GLY A 121 4.78 17.01 9.11
N ALA A 122 5.94 16.57 9.59
CA ALA A 122 7.06 16.30 8.70
C ALA A 122 6.76 15.11 7.78
N ILE A 123 6.33 13.99 8.37
CA ILE A 123 6.02 12.82 7.55
C ILE A 123 4.76 13.05 6.72
N PHE A 124 3.80 13.80 7.25
CA PHE A 124 2.61 14.14 6.48
C PHE A 124 2.97 14.89 5.21
N ASP A 125 3.85 15.89 5.33
CA ASP A 125 4.27 16.65 4.17
C ASP A 125 5.03 15.78 3.17
N ARG A 126 5.75 14.76 3.65
CA ARG A 126 6.43 13.84 2.74
C ARG A 126 5.43 13.06 1.90
N VAL A 127 4.33 12.62 2.53
CA VAL A 127 3.29 11.89 1.80
C VAL A 127 2.65 12.79 0.74
N LEU A 128 2.33 14.03 1.11
CA LEU A 128 1.70 14.95 0.17
C LEU A 128 2.63 15.28 -0.99
N THR A 129 3.92 15.50 -0.71
CA THR A 129 4.83 15.97 -1.74
C THR A 129 5.36 14.83 -2.61
N GLU A 130 5.81 13.75 -1.98
CA GLU A 130 6.46 12.68 -2.74
C GLU A 130 5.48 11.69 -3.34
N LEU A 131 4.26 11.59 -2.82
CA LEU A 131 3.30 10.62 -3.31
C LEU A 131 2.05 11.26 -3.89
N VAL A 132 1.27 11.98 -3.09
CA VAL A 132 -0.04 12.45 -3.55
C VAL A 132 0.11 13.42 -4.72
N SER A 133 0.96 14.44 -4.55
CA SER A 133 1.10 15.44 -5.61
C SER A 133 1.71 14.85 -6.87
N LYS A 134 2.59 13.85 -6.73
CA LYS A 134 3.16 13.22 -7.91
C LYS A 134 2.15 12.31 -8.59
N MET A 135 1.32 11.62 -7.82
CA MET A 135 0.21 10.86 -8.39
C MET A 135 -0.74 11.77 -9.16
N ARG A 136 -1.07 12.92 -8.57
CA ARG A 136 -1.97 13.86 -9.23
C ARG A 136 -1.32 14.47 -10.46
N ASP A 137 -0.01 14.74 -10.40
CA ASP A 137 0.66 15.41 -11.50
C ASP A 137 0.64 14.57 -12.77
N MET A 138 0.81 13.25 -12.64
CA MET A 138 0.81 12.39 -13.83
C MET A 138 -0.56 11.76 -14.09
N GLN A 139 -1.56 12.04 -13.26
CA GLN A 139 -2.89 11.45 -13.39
C GLN A 139 -2.80 9.92 -13.41
N MET A 140 -2.07 9.37 -12.43
CA MET A 140 -1.98 7.93 -12.28
C MET A 140 -3.37 7.34 -12.13
N ASP A 141 -3.71 6.35 -12.95
CA ASP A 141 -5.04 5.77 -12.92
C ASP A 141 -5.07 4.53 -12.03
N LYS A 142 -6.27 3.99 -11.84
CA LYS A 142 -6.48 2.91 -10.88
C LYS A 142 -5.82 1.62 -11.32
N THR A 143 -5.72 1.38 -12.64
CA THR A 143 -5.01 0.21 -13.12
C THR A 143 -3.53 0.29 -12.80
N GLU A 144 -2.93 1.46 -12.97
CA GLU A 144 -1.52 1.64 -12.65
C GLU A 144 -1.27 1.54 -11.16
N LEU A 145 -2.16 2.10 -10.34
CA LEU A 145 -2.03 1.96 -8.90
C LEU A 145 -2.08 0.50 -8.48
N GLY A 146 -3.07 -0.23 -8.96
CA GLY A 146 -3.18 -1.64 -8.61
C GLY A 146 -1.97 -2.45 -9.04
N CYS A 147 -1.42 -2.15 -10.23
CA CYS A 147 -0.22 -2.84 -10.67
C CYS A 147 0.97 -2.53 -9.77
N LEU A 148 1.15 -1.26 -9.41
CA LEU A 148 2.23 -0.89 -8.50
C LEU A 148 2.06 -1.59 -7.15
N ARG A 149 0.82 -1.69 -6.67
CA ARG A 149 0.58 -2.38 -5.41
C ARG A 149 0.82 -3.88 -5.55
N ALA A 150 0.51 -4.47 -6.71
CA ALA A 150 0.82 -5.88 -6.92
C ALA A 150 2.32 -6.12 -7.00
N ILE A 151 3.07 -5.17 -7.55
CA ILE A 151 4.52 -5.27 -7.56
C ILE A 151 5.07 -5.25 -6.14
N VAL A 152 4.57 -4.32 -5.32
CA VAL A 152 4.97 -4.26 -3.92
C VAL A 152 4.60 -5.55 -3.20
N LEU A 153 3.39 -6.06 -3.45
CA LEU A 153 2.95 -7.29 -2.80
C LEU A 153 3.89 -8.45 -3.11
N PHE A 154 4.22 -8.62 -4.39
CA PHE A 154 5.12 -9.69 -4.82
C PHE A 154 6.57 -9.24 -4.64
N ASN A 155 6.96 -9.09 -3.37
CA ASN A 155 8.31 -8.65 -3.03
C ASN A 155 9.21 -9.88 -2.84
N PRO A 156 10.06 -10.21 -3.82
CA PRO A 156 10.89 -11.41 -3.68
C PRO A 156 12.03 -11.27 -2.67
N ASP A 157 12.29 -10.07 -2.17
CA ASP A 157 13.31 -9.87 -1.15
C ASP A 157 12.81 -10.19 0.26
N SER A 158 11.53 -10.52 0.41
CA SER A 158 10.96 -10.78 1.73
C SER A 158 11.66 -11.99 2.37
N LYS A 159 12.02 -11.84 3.64
CA LYS A 159 12.74 -12.88 4.35
C LYS A 159 11.84 -14.06 4.67
N GLY A 160 12.38 -15.27 4.53
CA GLY A 160 11.67 -16.47 4.90
C GLY A 160 10.85 -17.11 3.80
N LEU A 161 10.81 -16.52 2.61
CA LEU A 161 10.05 -17.08 1.51
C LEU A 161 10.54 -18.48 1.17
N SER A 162 9.60 -19.42 1.06
CA SER A 162 9.97 -20.79 0.71
C SER A 162 10.50 -20.89 -0.72
N ASN A 163 10.01 -20.04 -1.61
CA ASN A 163 10.44 -20.05 -3.02
C ASN A 163 10.46 -18.60 -3.51
N PRO A 164 11.54 -17.87 -3.22
CA PRO A 164 11.63 -16.48 -3.70
C PRO A 164 11.58 -16.37 -5.22
N ALA A 165 12.02 -17.40 -5.94
CA ALA A 165 12.01 -17.34 -7.39
C ALA A 165 10.60 -17.29 -7.97
N GLU A 166 9.64 -17.96 -7.32
CA GLU A 166 8.26 -17.90 -7.81
C GLU A 166 7.67 -16.51 -7.59
N VAL A 167 7.98 -15.88 -6.46
CA VAL A 167 7.49 -14.52 -6.21
C VAL A 167 8.12 -13.54 -7.20
N GLU A 168 9.41 -13.70 -7.48
CA GLU A 168 10.07 -12.85 -8.46
C GLU A 168 9.43 -13.02 -9.84
N ALA A 169 9.00 -14.24 -10.18
CA ALA A 169 8.36 -14.48 -11.47
C ALA A 169 6.98 -13.81 -11.52
N LEU A 170 6.25 -13.82 -10.40
CA LEU A 170 4.96 -13.15 -10.38
C LEU A 170 5.13 -11.64 -10.49
N ARG A 171 6.12 -11.07 -9.80
CA ARG A 171 6.42 -9.65 -9.94
C ARG A 171 6.76 -9.30 -11.39
N GLU A 172 7.53 -10.15 -12.06
CA GLU A 172 7.90 -9.87 -13.44
C GLU A 172 6.68 -9.86 -14.35
N LYS A 173 5.72 -10.74 -14.09
CA LYS A 173 4.51 -10.76 -14.90
C LYS A 173 3.67 -9.52 -14.68
N VAL A 174 3.68 -8.98 -13.46
CA VAL A 174 2.91 -7.77 -13.17
C VAL A 174 3.46 -6.58 -13.95
N TYR A 175 4.78 -6.36 -13.87
CA TYR A 175 5.32 -5.18 -14.53
C TYR A 175 5.47 -5.37 -16.04
N ALA A 176 5.43 -6.61 -16.52
CA ALA A 176 5.28 -6.82 -17.97
C ALA A 176 3.90 -6.40 -18.44
N SER A 177 2.86 -6.78 -17.69
CA SER A 177 1.50 -6.36 -18.05
C SER A 177 1.30 -4.88 -17.84
N LEU A 178 1.95 -4.30 -16.83
CA LEU A 178 1.83 -2.86 -16.58
C LEU A 178 2.42 -2.06 -17.73
N GLU A 179 3.61 -2.45 -18.21
CA GLU A 179 4.22 -1.72 -19.31
C GLU A 179 3.37 -1.81 -20.58
N ALA A 180 2.86 -3.00 -20.88
CA ALA A 180 1.99 -3.15 -22.05
C ALA A 180 0.77 -2.24 -21.95
N TYR A 181 0.17 -2.15 -20.76
CA TYR A 181 -0.96 -1.26 -20.55
C TYR A 181 -0.57 0.19 -20.78
N CYS A 182 0.61 0.60 -20.27
CA CYS A 182 1.05 1.98 -20.42
C CYS A 182 1.31 2.33 -21.87
N LYS A 183 2.03 1.47 -22.60
CA LYS A 183 2.29 1.74 -24.01
C LYS A 183 1.00 1.79 -24.82
N HIS A 184 -0.01 1.02 -24.42
CA HIS A 184 -1.25 0.97 -25.18
C HIS A 184 -2.16 2.14 -24.86
N LYS A 185 -2.29 2.51 -23.58
CA LYS A 185 -3.20 3.58 -23.20
C LYS A 185 -2.56 4.96 -23.23
N TYR A 186 -1.25 5.05 -23.03
CA TYR A 186 -0.53 6.32 -23.06
C TYR A 186 0.65 6.24 -24.01
N PRO A 187 0.39 6.06 -25.31
CA PRO A 187 1.51 5.93 -26.27
C PRO A 187 2.34 7.18 -26.38
N GLU A 188 1.78 8.34 -26.06
CA GLU A 188 2.49 9.61 -26.18
C GLU A 188 3.41 9.89 -25.00
N GLN A 189 3.41 9.04 -23.96
CA GLN A 189 4.25 9.20 -22.79
C GLN A 189 5.17 7.98 -22.69
N PRO A 190 6.24 7.93 -23.48
CA PRO A 190 7.11 6.75 -23.45
C PRO A 190 7.81 6.52 -22.13
N GLY A 191 8.00 7.56 -21.32
CA GLY A 191 8.64 7.40 -20.04
C GLY A 191 7.70 7.15 -18.88
N ARG A 192 6.44 6.83 -19.16
CA ARG A 192 5.44 6.72 -18.09
C ARG A 192 5.66 5.47 -17.25
N PHE A 193 5.98 4.34 -17.89
CA PHE A 193 6.22 3.11 -17.16
C PHE A 193 7.36 3.29 -16.15
N ALA A 194 8.44 3.95 -16.55
CA ALA A 194 9.55 4.18 -15.63
C ALA A 194 9.17 5.17 -14.54
N LYS A 195 8.36 6.18 -14.88
CA LYS A 195 7.93 7.15 -13.89
C LYS A 195 7.11 6.50 -12.78
N LEU A 196 6.26 5.54 -13.14
CA LEU A 196 5.52 4.79 -12.13
C LEU A 196 6.45 4.01 -11.21
N LEU A 197 7.39 3.27 -11.80
CA LEU A 197 8.29 2.45 -10.98
C LEU A 197 9.18 3.30 -10.09
N LEU A 198 9.51 4.52 -10.51
CA LEU A 198 10.43 5.36 -9.75
C LEU A 198 9.74 6.12 -8.62
N ARG A 199 8.46 5.87 -8.37
CA ARG A 199 7.84 6.29 -7.12
C ARG A 199 8.01 5.25 -6.01
N LEU A 200 8.45 4.05 -6.35
CA LEU A 200 8.57 2.95 -5.38
C LEU A 200 9.68 3.18 -4.35
N PRO A 201 10.82 3.80 -4.70
CA PRO A 201 11.79 4.12 -3.65
C PRO A 201 11.25 5.12 -2.62
N ALA A 202 10.47 6.11 -3.07
CA ALA A 202 9.86 7.04 -2.13
C ALA A 202 8.84 6.34 -1.26
N LEU A 203 8.02 5.46 -1.86
CA LEU A 203 7.04 4.69 -1.08
C LEU A 203 7.74 3.82 -0.05
N ARG A 204 8.87 3.23 -0.40
CA ARG A 204 9.61 2.40 0.54
C ARG A 204 10.17 3.23 1.70
N SER A 205 10.72 4.40 1.40
CA SER A 205 11.27 5.25 2.45
C SER A 205 10.17 5.78 3.36
N ILE A 206 9.04 6.19 2.78
CA ILE A 206 7.94 6.71 3.59
C ILE A 206 7.34 5.59 4.44
N GLY A 207 7.20 4.40 3.87
CA GLY A 207 6.69 3.28 4.63
C GLY A 207 7.54 2.95 5.84
N LEU A 208 8.87 3.02 5.68
CA LEU A 208 9.76 2.72 6.80
C LEU A 208 9.63 3.76 7.91
N LYS A 209 9.49 5.04 7.53
CA LYS A 209 9.36 6.09 8.53
C LYS A 209 8.04 5.98 9.29
N CYS A 210 6.95 5.63 8.59
CA CYS A 210 5.67 5.48 9.25
C CYS A 210 5.70 4.32 10.24
N LEU A 211 6.39 3.23 9.90
CA LEU A 211 6.56 2.13 10.84
C LEU A 211 7.35 2.59 12.07
N GLU A 212 8.39 3.38 11.86
CA GLU A 212 9.18 3.91 12.96
C GLU A 212 8.30 4.69 13.94
N HIS A 213 7.46 5.58 13.40
CA HIS A 213 6.53 6.33 14.25
C HIS A 213 5.59 5.40 15.00
N LEU A 214 5.06 4.39 14.31
CA LEU A 214 4.07 3.51 14.92
C LEU A 214 4.67 2.72 16.07
N PHE A 215 5.93 2.29 15.94
CA PHE A 215 6.59 1.60 17.05
C PHE A 215 6.78 2.53 18.23
N PHE A 216 7.09 3.80 17.97
CA PHE A 216 7.21 4.77 19.06
C PHE A 216 5.89 5.00 19.76
N PHE A 217 4.80 5.10 19.00
CA PHE A 217 3.48 5.22 19.61
C PHE A 217 3.17 4.02 20.51
N LYS A 218 3.51 2.81 20.04
CA LYS A 218 3.29 1.62 20.84
C LYS A 218 4.13 1.64 22.11
N LEU A 219 5.37 2.13 22.00
CA LEU A 219 6.26 2.15 23.17
C LEU A 219 5.73 3.09 24.25
N ILE A 220 5.33 4.31 23.86
CA ILE A 220 4.77 5.25 24.82
C ILE A 220 3.49 4.69 25.42
N GLY A 221 2.60 4.15 24.58
CA GLY A 221 1.43 3.45 25.04
C GLY A 221 0.21 4.30 25.29
N ASP A 222 0.21 5.57 24.88
CA ASP A 222 -0.95 6.43 25.02
C ASP A 222 -1.61 6.71 23.68
N THR A 223 -1.48 5.78 22.73
CA THR A 223 -2.18 5.83 21.45
C THR A 223 -2.90 4.51 21.27
N PRO A 224 -4.22 4.50 21.11
CA PRO A 224 -4.93 3.22 20.94
C PRO A 224 -4.55 2.56 19.62
N ILE A 225 -4.06 1.32 19.72
CA ILE A 225 -3.70 0.53 18.56
C ILE A 225 -4.52 -0.74 18.58
N ASP A 226 -5.31 -0.97 17.54
CA ASP A 226 -6.23 -2.09 17.50
C ASP A 226 -5.48 -3.39 17.16
N THR A 227 -6.22 -4.50 17.20
CA THR A 227 -5.59 -5.82 17.30
C THR A 227 -4.83 -6.19 16.02
N PHE A 228 -5.40 -5.91 14.85
CA PHE A 228 -4.71 -6.28 13.61
C PHE A 228 -3.49 -5.40 13.39
N LEU A 229 -3.61 -4.10 13.64
CA LEU A 229 -2.45 -3.23 13.55
C LEU A 229 -1.38 -3.64 14.55
N MET A 230 -1.79 -4.00 15.77
CA MET A 230 -0.85 -4.49 16.77
C MET A 230 -0.15 -5.76 16.31
N GLU A 231 -0.89 -6.67 15.66
CA GLU A 231 -0.31 -7.92 15.21
C GLU A 231 0.79 -7.67 14.18
N MET A 232 0.61 -6.67 13.31
CA MET A 232 1.63 -6.35 12.33
C MET A 232 2.91 -5.82 12.98
N LEU A 233 2.81 -5.35 14.21
CA LEU A 233 3.97 -4.88 14.97
C LEU A 233 4.68 -6.01 15.72
N GLU A 234 4.15 -7.22 15.66
CA GLU A 234 4.77 -8.37 16.31
C GLU A 234 6.09 -8.73 15.62
N ALA A 235 6.95 -9.42 16.36
CA ALA A 235 8.19 -9.96 15.82
C ALA A 235 7.90 -11.19 14.97
N HIS B 2 0.80 -15.01 14.44
CA HIS B 2 0.09 -14.11 13.54
C HIS B 2 -1.34 -14.60 13.34
N LYS B 3 -2.09 -14.68 14.45
CA LYS B 3 -3.38 -15.38 14.44
C LYS B 3 -4.34 -14.76 13.43
N ILE B 4 -4.51 -13.44 13.49
CA ILE B 4 -5.56 -12.79 12.70
C ILE B 4 -5.29 -12.97 11.21
N LEU B 5 -4.07 -12.65 10.76
CA LEU B 5 -3.72 -12.78 9.36
C LEU B 5 -3.91 -14.21 8.86
N HIS B 6 -3.44 -15.19 9.65
CA HIS B 6 -3.59 -16.59 9.27
C HIS B 6 -5.05 -16.95 9.06
N ARG B 7 -5.91 -16.56 10.00
CA ARG B 7 -7.32 -16.91 9.92
C ARG B 7 -7.99 -16.25 8.71
N LEU B 8 -7.60 -15.01 8.42
CA LEU B 8 -8.24 -14.28 7.31
C LEU B 8 -7.84 -14.87 5.96
N LEU B 9 -6.59 -15.31 5.83
CA LEU B 9 -6.12 -15.86 4.56
C LEU B 9 -6.69 -17.26 4.29
N GLN B 10 -6.88 -18.07 5.34
CA GLN B 10 -7.36 -19.43 5.14
C GLN B 10 -8.83 -19.45 4.71
N ASP B 11 -9.64 -18.56 5.28
CA ASP B 11 -11.07 -18.56 5.02
C ASP B 11 -11.38 -18.31 3.55
C14 OI2 C . -0.92 10.20 6.33
C13 OI2 C . 0.31 9.43 6.78
C15 OI2 C . 1.41 10.38 7.25
C17 OI2 C . 0.14 3.43 7.63
C16 OI2 C . 0.37 4.92 7.93
C10 OI2 C . 3.12 8.55 11.13
C12 OI2 C . -0.03 8.42 7.88
C11 OI2 C . 1.21 7.67 8.37
C01 OI2 C . 0.39 4.65 11.61
C02 OI2 C . -0.29 4.48 10.25
C03 OI2 C . 0.27 5.38 9.16
C04 OI2 C . 0.92 6.70 9.51
C05 OI2 C . 1.00 7.09 11.00
C06 OI2 C . 0.56 6.09 12.08
C07 OI2 C . 1.64 8.39 11.52
C08 OI2 C . 0.81 9.63 11.19
C09 OI2 C . -0.18 9.94 12.31
C18 OI2 C . -1.05 3.00 7.24
C19 OI2 C . -2.23 3.93 7.00
C20 OI2 C . -3.39 3.37 6.68
C21 OI2 C . -4.63 4.21 6.39
C22 OI2 C . -5.42 3.75 5.42
C23 OI2 C . -6.72 4.39 4.93
C26 OI2 C . -4.93 5.49 7.16
C27 OI2 C . 1.27 2.44 7.83
O24 OI2 C . -7.17 4.01 3.81
O25 OI2 C . -7.33 5.28 5.57
#